data_7CMR
#
_entry.id   7CMR
#
_cell.length_a   46.399
_cell.length_b   58.322
_cell.length_c   121.120
_cell.angle_alpha   90.000
_cell.angle_beta   90.000
_cell.angle_gamma   90.000
#
_symmetry.space_group_name_H-M   'P 21 21 21'
#
loop_
_entity.id
_entity.type
_entity.pdbx_description
1 polymer 'Histone acetyltransferase KAT8'
2 non-polymer 'ZINC ION'
3 non-polymer GLYCEROL
4 water water
#
_entity_poly.entity_id   1
_entity_poly.type   'polypeptide(L)'
_entity_poly.pdbx_seq_one_letter_code
;MGGSHHHHHHENLYFQGMAAQGAAAAVAAGTSGVAGEGEPGPGENAAAEGTAPSPGRVSPPTPARGEPEVTVEIGETYLC
RRPDSTWHSAEVIQSRVNDQEGREEFYVHYVGFNRRLDEWVDKNRLALTKTVKDAVQKNSEKYLSELAEQPERKITRNQK
RKHDEINHVQKTYAEMDPTTAALEKEHEAITKVKYVDKIHIGNYEIDAWYFSPFPEDYGKQPKLWLCEYCLKYMKYEKSY
RFHLGQCQWRQPPGKEIYRKSNISVYEVDGKDHKIYCQNLCLLAKLFLDH(ALY)TLYFDVEPFVFYILTEVDRQGAHIV
GYFSKEKESPDGNNVACILTLPPYQRRGYGKFLIAFSYELSKLESTVGSPEKPLSDLGKLSYRSYWSWVLLEILRDFRGT
LSIKDLSQMTSITQNDIISTLQSLNMVKYWKGQHVICVTPKLVEEHLKSAQYKKPPITVDSVCLKWAPPKHKQVKLSKK
;
_entity_poly.pdbx_strand_id   A
#
loop_
_chem_comp.id
_chem_comp.type
_chem_comp.name
_chem_comp.formula
GOL non-polymer GLYCEROL 'C3 H8 O3'
ZN non-polymer 'ZINC ION' 'Zn 2'
#
# COMPACT_ATOMS: atom_id res chain seq x y z
N LYS A 194 -18.46 -9.97 -21.41
CA LYS A 194 -18.67 -10.11 -19.94
C LYS A 194 -17.33 -9.98 -19.21
N TYR A 195 -17.32 -9.25 -18.08
CA TYR A 195 -16.16 -9.13 -17.15
C TYR A 195 -16.48 -9.86 -15.85
N VAL A 196 -15.44 -10.14 -15.05
CA VAL A 196 -15.57 -10.72 -13.68
C VAL A 196 -16.35 -9.71 -12.82
N ASP A 197 -17.50 -10.13 -12.29
CA ASP A 197 -18.47 -9.26 -11.58
C ASP A 197 -18.12 -9.20 -10.08
N LYS A 198 -17.61 -10.29 -9.51
CA LYS A 198 -17.40 -10.43 -8.05
C LYS A 198 -16.44 -11.58 -7.77
N ILE A 199 -15.81 -11.56 -6.59
CA ILE A 199 -14.88 -12.62 -6.11
C ILE A 199 -15.35 -13.12 -4.74
N HIS A 200 -15.07 -14.39 -4.45
CA HIS A 200 -15.03 -14.94 -3.08
C HIS A 200 -13.56 -15.10 -2.67
N ILE A 201 -13.16 -14.48 -1.57
CA ILE A 201 -11.79 -14.61 -0.98
C ILE A 201 -11.94 -14.74 0.54
N GLY A 202 -11.42 -15.83 1.10
CA GLY A 202 -11.62 -16.20 2.51
C GLY A 202 -13.10 -16.36 2.83
N ASN A 203 -13.64 -15.47 3.67
CA ASN A 203 -15.07 -15.46 4.09
C ASN A 203 -15.79 -14.25 3.46
N TYR A 204 -15.12 -13.51 2.56
CA TYR A 204 -15.63 -12.25 1.96
C TYR A 204 -16.19 -12.52 0.56
N GLU A 205 -17.33 -11.89 0.25
CA GLU A 205 -17.84 -11.66 -1.12
C GLU A 205 -17.60 -10.18 -1.43
N ILE A 206 -16.89 -9.88 -2.52
CA ILE A 206 -16.57 -8.47 -2.94
C ILE A 206 -17.01 -8.29 -4.40
N ASP A 207 -17.85 -7.28 -4.67
CA ASP A 207 -18.22 -6.85 -6.03
C ASP A 207 -17.03 -6.11 -6.65
N ALA A 208 -16.80 -6.32 -7.96
CA ALA A 208 -15.72 -5.67 -8.73
C ALA A 208 -16.03 -4.17 -8.85
N TRP A 209 -14.98 -3.34 -8.95
CA TRP A 209 -15.08 -1.89 -9.24
C TRP A 209 -14.68 -1.61 -10.70
N TYR A 210 -13.79 -2.43 -11.26
CA TYR A 210 -13.14 -2.19 -12.58
C TYR A 210 -12.88 -3.51 -13.30
N PHE A 211 -12.64 -3.41 -14.61
CA PHE A 211 -12.16 -4.53 -15.46
C PHE A 211 -10.82 -5.02 -14.91
N SER A 212 -10.65 -6.34 -14.83
CA SER A 212 -9.36 -7.02 -14.60
C SER A 212 -9.20 -8.14 -15.61
N PRO A 213 -8.09 -8.19 -16.39
CA PRO A 213 -7.96 -9.17 -17.47
C PRO A 213 -7.53 -10.56 -16.98
N PHE A 214 -8.37 -11.20 -16.15
CA PHE A 214 -8.25 -12.65 -15.82
C PHE A 214 -8.27 -13.40 -17.15
N PRO A 215 -7.24 -14.22 -17.48
CA PRO A 215 -7.03 -14.66 -18.85
C PRO A 215 -8.07 -15.69 -19.34
N GLU A 216 -8.38 -15.64 -20.64
CA GLU A 216 -9.12 -16.69 -21.39
C GLU A 216 -10.48 -16.93 -20.71
N ASP A 217 -10.77 -18.18 -20.32
CA ASP A 217 -12.10 -18.63 -19.81
C ASP A 217 -12.36 -18.05 -18.41
N TYR A 218 -11.30 -17.81 -17.62
CA TYR A 218 -11.40 -17.17 -16.29
C TYR A 218 -12.06 -15.79 -16.43
N GLY A 219 -11.60 -14.99 -17.40
CA GLY A 219 -12.12 -13.64 -17.69
C GLY A 219 -13.58 -13.64 -18.14
N LYS A 220 -14.10 -14.80 -18.55
CA LYS A 220 -15.49 -14.99 -19.04
C LYS A 220 -16.39 -15.52 -17.91
N GLN A 221 -15.85 -15.72 -16.70
CA GLN A 221 -16.61 -16.19 -15.52
C GLN A 221 -17.22 -14.98 -14.80
N PRO A 222 -18.47 -15.06 -14.30
CA PRO A 222 -19.09 -13.96 -13.56
C PRO A 222 -18.50 -13.84 -12.15
N LYS A 223 -18.15 -14.98 -11.54
CA LYS A 223 -17.62 -15.09 -10.15
C LYS A 223 -16.33 -15.90 -10.16
N LEU A 224 -15.26 -15.37 -9.58
CA LEU A 224 -13.98 -16.11 -9.37
C LEU A 224 -13.81 -16.37 -7.86
N TRP A 225 -13.33 -17.57 -7.52
CA TRP A 225 -13.07 -18.01 -6.14
C TRP A 225 -11.55 -18.01 -5.93
N LEU A 226 -11.06 -17.16 -5.03
CA LEU A 226 -9.62 -16.93 -4.78
C LEU A 226 -9.24 -17.53 -3.42
N CYS A 227 -8.23 -18.40 -3.40
CA CYS A 227 -7.53 -18.86 -2.17
C CYS A 227 -6.95 -17.62 -1.48
N GLU A 228 -7.29 -17.39 -0.22
CA GLU A 228 -6.93 -16.14 0.50
C GLU A 228 -5.42 -16.11 0.81
N TYR A 229 -4.71 -17.23 0.61
CA TYR A 229 -3.28 -17.40 1.00
C TYR A 229 -2.38 -17.37 -0.24
N CYS A 230 -2.62 -18.21 -1.25
CA CYS A 230 -1.80 -18.29 -2.49
C CYS A 230 -2.46 -17.49 -3.62
N LEU A 231 -3.69 -17.01 -3.42
CA LEU A 231 -4.43 -16.09 -4.33
C LEU A 231 -4.75 -16.75 -5.67
N LYS A 232 -4.62 -18.07 -5.77
CA LYS A 232 -5.03 -18.84 -6.97
C LYS A 232 -6.50 -18.53 -7.27
N TYR A 233 -6.83 -18.18 -8.51
CA TYR A 233 -8.21 -17.83 -8.93
C TYR A 233 -8.84 -19.05 -9.62
N MET A 234 -10.05 -19.43 -9.19
CA MET A 234 -10.76 -20.64 -9.65
C MET A 234 -12.16 -20.28 -10.16
N LYS A 235 -12.71 -21.10 -11.05
CA LYS A 235 -13.94 -20.81 -11.83
C LYS A 235 -15.20 -21.18 -11.05
N TYR A 236 -15.14 -22.21 -10.20
CA TYR A 236 -16.33 -22.88 -9.59
C TYR A 236 -16.13 -23.04 -8.08
N GLU A 237 -17.25 -23.05 -7.34
CA GLU A 237 -17.28 -23.32 -5.88
C GLU A 237 -16.60 -24.67 -5.59
N LYS A 238 -16.80 -25.68 -6.44
CA LYS A 238 -16.32 -27.07 -6.19
C LYS A 238 -14.78 -27.11 -6.27
N SER A 239 -14.16 -26.47 -7.26
CA SER A 239 -12.68 -26.38 -7.38
C SER A 239 -12.12 -25.60 -6.17
N TYR A 240 -12.82 -24.54 -5.74
CA TYR A 240 -12.42 -23.72 -4.56
C TYR A 240 -12.40 -24.58 -3.29
N ARG A 241 -13.51 -25.25 -2.99
CA ARG A 241 -13.66 -26.10 -1.77
C ARG A 241 -12.57 -27.17 -1.76
N PHE A 242 -12.30 -27.80 -2.91
CA PHE A 242 -11.23 -28.82 -3.05
C PHE A 242 -9.87 -28.19 -2.70
N HIS A 243 -9.58 -27.02 -3.25
CA HIS A 243 -8.31 -26.28 -3.02
C HIS A 243 -8.19 -25.92 -1.54
N LEU A 244 -9.27 -25.48 -0.89
CA LEU A 244 -9.30 -25.14 0.56
C LEU A 244 -8.69 -26.29 1.38
N GLY A 245 -9.03 -27.53 1.05
CA GLY A 245 -8.59 -28.74 1.77
C GLY A 245 -7.15 -29.13 1.43
N GLN A 246 -6.66 -28.77 0.25
CA GLN A 246 -5.35 -29.23 -0.29
C GLN A 246 -4.26 -28.20 -0.01
N CYS A 247 -4.54 -26.91 -0.23
CA CYS A 247 -3.52 -25.82 -0.15
C CYS A 247 -2.89 -25.79 1.25
N GLN A 248 -1.56 -25.80 1.32
CA GLN A 248 -0.79 -25.82 2.59
C GLN A 248 -0.37 -24.39 2.99
N TRP A 249 -0.51 -23.42 2.09
N TRP A 249 -0.50 -23.42 2.08
CA TRP A 249 -0.16 -22.00 2.35
CA TRP A 249 -0.21 -21.98 2.33
C TRP A 249 -1.12 -21.42 3.40
C TRP A 249 -1.13 -21.45 3.43
N ARG A 250 -0.57 -20.79 4.44
CA ARG A 250 -1.34 -20.12 5.53
C ARG A 250 -0.80 -18.69 5.72
N GLN A 251 -0.02 -18.20 4.76
CA GLN A 251 0.58 -16.85 4.76
C GLN A 251 1.06 -16.52 3.34
N PRO A 252 1.33 -15.24 3.02
CA PRO A 252 2.01 -14.90 1.77
C PRO A 252 3.36 -15.60 1.68
N PRO A 253 3.93 -15.77 0.47
CA PRO A 253 5.29 -16.29 0.32
C PRO A 253 6.30 -15.18 0.64
N GLY A 254 7.59 -15.44 0.45
CA GLY A 254 8.68 -14.48 0.67
C GLY A 254 8.96 -14.25 2.15
N LYS A 255 9.53 -13.09 2.49
CA LYS A 255 10.14 -12.79 3.81
C LYS A 255 9.19 -11.95 4.67
N GLU A 256 8.91 -12.38 5.90
CA GLU A 256 8.18 -11.58 6.92
C GLU A 256 9.13 -10.51 7.48
N ILE A 257 9.09 -9.29 6.93
CA ILE A 257 10.05 -8.20 7.24
C ILE A 257 9.51 -7.28 8.33
N TYR A 258 8.30 -7.55 8.83
CA TYR A 258 7.66 -6.75 9.92
C TYR A 258 6.68 -7.63 10.69
N ARG A 259 6.76 -7.60 12.03
CA ARG A 259 5.80 -8.25 12.95
C ARG A 259 5.69 -7.40 14.23
N LYS A 260 4.51 -6.84 14.48
CA LYS A 260 4.14 -6.21 15.78
C LYS A 260 2.72 -6.65 16.13
N SER A 261 2.56 -7.35 17.26
CA SER A 261 1.28 -8.00 17.66
C SER A 261 0.83 -8.89 16.49
N ASN A 262 -0.41 -8.75 16.02
CA ASN A 262 -1.01 -9.64 14.98
C ASN A 262 -0.99 -8.96 13.61
N ILE A 263 -0.15 -7.93 13.43
CA ILE A 263 0.09 -7.29 12.10
C ILE A 263 1.48 -7.73 11.63
N SER A 264 1.56 -8.26 10.40
CA SER A 264 2.83 -8.63 9.73
C SER A 264 2.81 -8.16 8.28
N VAL A 265 3.97 -7.76 7.77
CA VAL A 265 4.19 -7.36 6.35
C VAL A 265 5.15 -8.38 5.73
N TYR A 266 4.80 -8.89 4.55
CA TYR A 266 5.63 -9.84 3.77
C TYR A 266 6.21 -9.12 2.56
N GLU A 267 7.51 -9.32 2.31
CA GLU A 267 8.21 -8.85 1.10
C GLU A 267 8.27 -10.00 0.09
N VAL A 268 7.61 -9.83 -1.05
CA VAL A 268 7.53 -10.85 -2.14
C VAL A 268 8.19 -10.25 -3.38
N ASP A 269 9.33 -10.82 -3.80
CA ASP A 269 10.07 -10.43 -5.02
C ASP A 269 9.34 -11.03 -6.23
N GLY A 270 9.00 -10.20 -7.22
CA GLY A 270 8.29 -10.59 -8.44
C GLY A 270 9.01 -11.68 -9.23
N LYS A 271 10.34 -11.75 -9.11
CA LYS A 271 11.20 -12.72 -9.86
C LYS A 271 11.12 -14.12 -9.23
N ASP A 272 10.97 -14.19 -7.90
CA ASP A 272 11.03 -15.46 -7.12
C ASP A 272 9.63 -16.07 -6.96
N HIS A 273 8.57 -15.24 -7.05
CA HIS A 273 7.16 -15.66 -6.78
C HIS A 273 6.24 -15.10 -7.86
N LYS A 274 6.51 -15.44 -9.12
CA LYS A 274 5.85 -14.92 -10.34
C LYS A 274 4.33 -15.13 -10.23
N ILE A 275 3.88 -16.38 -10.10
CA ILE A 275 2.45 -16.78 -10.11
C ILE A 275 1.69 -16.00 -9.02
N TYR A 276 2.21 -16.00 -7.79
CA TYR A 276 1.60 -15.27 -6.64
C TYR A 276 1.42 -13.80 -6.99
N CYS A 277 2.46 -13.16 -7.51
CA CYS A 277 2.50 -11.70 -7.82
C CYS A 277 1.53 -11.37 -8.96
N GLN A 278 1.43 -12.25 -9.96
CA GLN A 278 0.42 -12.15 -11.06
C GLN A 278 -0.99 -12.23 -10.45
N ASN A 279 -1.26 -13.24 -9.62
CA ASN A 279 -2.56 -13.43 -8.92
C ASN A 279 -2.94 -12.15 -8.17
N LEU A 280 -1.98 -11.58 -7.43
CA LEU A 280 -2.15 -10.35 -6.61
C LEU A 280 -2.50 -9.16 -7.52
N CYS A 281 -1.79 -8.99 -8.63
CA CYS A 281 -2.00 -7.88 -9.59
C CYS A 281 -3.40 -7.95 -10.23
N LEU A 282 -3.89 -9.15 -10.53
CA LEU A 282 -5.23 -9.34 -11.15
C LEU A 282 -6.32 -9.08 -10.09
N LEU A 283 -6.09 -9.47 -8.84
CA LEU A 283 -6.97 -9.16 -7.68
C LEU A 283 -7.04 -7.64 -7.51
N ALA A 284 -5.89 -6.99 -7.43
CA ALA A 284 -5.75 -5.52 -7.22
C ALA A 284 -6.48 -4.76 -8.33
N LYS A 285 -6.37 -5.23 -9.58
CA LYS A 285 -6.89 -4.51 -10.77
C LYS A 285 -8.43 -4.44 -10.73
N LEU A 286 -9.09 -5.36 -10.02
CA LEU A 286 -10.56 -5.32 -9.80
C LEU A 286 -10.97 -4.03 -9.08
N PHE A 287 -10.06 -3.42 -8.30
CA PHE A 287 -10.35 -2.29 -7.39
C PHE A 287 -9.44 -1.08 -7.65
N LEU A 288 -8.56 -1.14 -8.66
CA LEU A 288 -7.70 -0.01 -9.08
C LEU A 288 -7.96 0.30 -10.57
N ASP A 289 -8.38 1.53 -10.87
CA ASP A 289 -8.75 1.96 -12.24
C ASP A 289 -7.49 2.00 -13.13
N HIS A 290 -6.38 2.53 -12.61
CA HIS A 290 -5.22 3.02 -13.41
C HIS A 290 -4.01 2.08 -13.33
OH ALY A 291 0.65 -3.52 -8.60
CH ALY A 291 0.83 -3.61 -9.82
CH3 ALY A 291 2.15 -3.30 -10.45
NZ ALY A 291 -0.15 -4.00 -10.65
CE ALY A 291 -1.51 -4.29 -10.22
CD ALY A 291 -2.42 -3.07 -10.28
CG ALY A 291 -2.37 -2.30 -11.58
CB ALY A 291 -3.39 -1.17 -11.65
CA ALY A 291 -3.12 -0.10 -12.71
N ALY A 291 -4.15 0.93 -12.67
C ALY A 291 -3.10 -0.69 -14.11
O ALY A 291 -4.15 -0.97 -14.68
N THR A 292 -1.89 -0.87 -14.67
CA THR A 292 -1.73 -1.27 -16.06
C THR A 292 -0.89 -2.55 -16.20
N LEU A 293 -0.21 -2.99 -15.14
CA LEU A 293 0.74 -4.13 -15.18
C LEU A 293 0.23 -5.28 -14.29
N TYR A 294 0.13 -6.49 -14.85
CA TYR A 294 -0.45 -7.70 -14.22
C TYR A 294 0.52 -8.88 -14.31
N PHE A 295 1.19 -9.07 -15.45
CA PHE A 295 1.93 -10.31 -15.81
C PHE A 295 3.45 -10.10 -15.74
N ASP A 296 3.93 -8.94 -16.22
CA ASP A 296 5.38 -8.59 -16.27
C ASP A 296 5.82 -8.09 -14.89
N VAL A 297 5.92 -8.98 -13.90
CA VAL A 297 6.06 -8.64 -12.45
C VAL A 297 7.52 -8.73 -12.00
N GLU A 298 8.41 -9.30 -12.82
CA GLU A 298 9.85 -9.54 -12.45
C GLU A 298 10.51 -8.24 -11.97
N PRO A 299 10.25 -7.06 -12.59
CA PRO A 299 10.86 -5.81 -12.12
C PRO A 299 10.35 -5.23 -10.80
N PHE A 300 9.39 -5.88 -10.13
CA PHE A 300 8.65 -5.32 -8.96
C PHE A 300 8.90 -6.15 -7.70
N VAL A 301 8.88 -5.48 -6.55
CA VAL A 301 8.73 -6.08 -5.19
C VAL A 301 7.33 -5.70 -4.68
N PHE A 302 6.68 -6.62 -3.97
CA PHE A 302 5.29 -6.47 -3.43
C PHE A 302 5.35 -6.61 -1.91
N TYR A 303 4.72 -5.68 -1.20
CA TYR A 303 4.63 -5.64 0.27
C TYR A 303 3.18 -5.91 0.69
N ILE A 304 2.96 -7.09 1.27
CA ILE A 304 1.60 -7.62 1.61
C ILE A 304 1.35 -7.35 3.10
N LEU A 305 0.36 -6.50 3.40
CA LEU A 305 -0.12 -6.26 4.77
C LEU A 305 -1.09 -7.38 5.14
N THR A 306 -0.83 -8.05 6.27
CA THR A 306 -1.65 -9.17 6.80
C THR A 306 -2.00 -8.89 8.26
N GLU A 307 -3.18 -9.32 8.69
CA GLU A 307 -3.53 -9.45 10.13
C GLU A 307 -3.65 -10.95 10.43
N VAL A 308 -3.02 -11.39 11.52
CA VAL A 308 -2.75 -12.82 11.84
C VAL A 308 -3.76 -13.28 12.89
N ASP A 309 -4.19 -14.54 12.80
CA ASP A 309 -4.91 -15.27 13.88
C ASP A 309 -4.35 -16.70 13.91
N ARG A 310 -4.98 -17.61 14.64
CA ARG A 310 -4.52 -19.01 14.81
C ARG A 310 -4.44 -19.71 13.44
N GLN A 311 -5.34 -19.37 12.51
CA GLN A 311 -5.44 -20.05 11.18
C GLN A 311 -4.27 -19.63 10.28
N GLY A 312 -3.90 -18.34 10.27
CA GLY A 312 -2.76 -17.83 9.47
C GLY A 312 -2.79 -16.33 9.28
N ALA A 313 -2.03 -15.82 8.29
CA ALA A 313 -1.87 -14.39 7.97
C ALA A 313 -2.78 -14.00 6.81
N HIS A 314 -3.81 -13.19 7.08
CA HIS A 314 -4.92 -12.84 6.15
C HIS A 314 -4.61 -11.50 5.46
N ILE A 315 -4.57 -11.48 4.12
CA ILE A 315 -4.22 -10.29 3.30
C ILE A 315 -5.26 -9.19 3.54
N VAL A 316 -4.78 -7.99 3.89
CA VAL A 316 -5.61 -6.76 4.11
C VAL A 316 -5.45 -5.84 2.90
N GLY A 317 -4.20 -5.72 2.41
CA GLY A 317 -3.81 -4.81 1.31
C GLY A 317 -2.37 -5.03 0.91
N TYR A 318 -1.84 -4.16 0.05
CA TYR A 318 -0.47 -4.27 -0.50
C TYR A 318 -0.08 -2.94 -1.15
N PHE A 319 1.22 -2.77 -1.41
CA PHE A 319 1.74 -1.85 -2.45
C PHE A 319 2.85 -2.56 -3.22
N SER A 320 2.87 -2.35 -4.53
CA SER A 320 3.96 -2.76 -5.45
C SER A 320 4.98 -1.63 -5.52
N LYS A 321 6.24 -1.95 -5.84
CA LYS A 321 7.37 -0.99 -5.91
C LYS A 321 8.37 -1.51 -6.95
N GLU A 322 8.76 -0.66 -7.91
CA GLU A 322 9.84 -0.95 -8.88
C GLU A 322 11.14 -1.17 -8.10
N LYS A 323 11.89 -2.23 -8.41
CA LYS A 323 13.23 -2.50 -7.82
C LYS A 323 14.15 -1.31 -8.11
N GLU A 324 14.07 -0.77 -9.34
CA GLU A 324 14.79 0.46 -9.78
C GLU A 324 13.76 1.44 -10.38
N SER A 325 13.53 2.57 -9.72
CA SER A 325 12.59 3.63 -10.18
C SER A 325 13.38 4.79 -10.78
N PRO A 326 13.26 5.04 -12.11
CA PRO A 326 13.91 6.20 -12.73
C PRO A 326 13.40 7.53 -12.15
N ASP A 327 12.08 7.62 -11.92
CA ASP A 327 11.38 8.85 -11.49
C ASP A 327 11.36 8.93 -9.95
N GLY A 328 11.94 7.95 -9.26
CA GLY A 328 12.04 7.92 -7.79
C GLY A 328 10.69 7.67 -7.14
N ASN A 329 9.91 6.73 -7.68
CA ASN A 329 8.61 6.29 -7.12
C ASN A 329 8.87 5.19 -6.08
N ASN A 330 8.51 5.45 -4.82
CA ASN A 330 8.69 4.48 -3.69
C ASN A 330 7.44 3.60 -3.57
N VAL A 331 6.39 3.91 -4.33
CA VAL A 331 5.15 3.09 -4.48
C VAL A 331 4.70 3.17 -5.94
N ALA A 332 4.49 2.02 -6.60
CA ALA A 332 3.93 1.93 -7.96
C ALA A 332 2.40 1.97 -7.86
N CYS A 333 1.80 0.91 -7.30
CA CYS A 333 0.35 0.82 -6.97
C CYS A 333 0.18 0.48 -5.49
N ILE A 334 -0.90 0.96 -4.88
CA ILE A 334 -1.24 0.71 -3.45
C ILE A 334 -2.75 0.47 -3.34
N LEU A 335 -3.16 -0.47 -2.49
CA LEU A 335 -4.58 -0.85 -2.31
C LEU A 335 -4.78 -1.49 -0.93
N THR A 336 -5.83 -1.06 -0.23
CA THR A 336 -6.50 -1.79 0.86
C THR A 336 -7.74 -2.45 0.26
N LEU A 337 -7.93 -3.75 0.48
CA LEU A 337 -9.11 -4.48 -0.07
C LEU A 337 -10.38 -3.84 0.51
N PRO A 338 -11.46 -3.70 -0.29
CA PRO A 338 -12.64 -2.94 0.12
C PRO A 338 -13.16 -3.13 1.54
N PRO A 339 -13.36 -4.38 2.06
CA PRO A 339 -13.93 -4.55 3.40
C PRO A 339 -13.02 -4.03 4.53
N TYR A 340 -11.77 -3.68 4.21
CA TYR A 340 -10.76 -3.17 5.17
C TYR A 340 -10.58 -1.65 5.01
N GLN A 341 -11.18 -1.03 4.00
CA GLN A 341 -10.92 0.40 3.68
C GLN A 341 -11.45 1.31 4.80
N ARG A 342 -10.74 2.40 5.06
CA ARG A 342 -11.09 3.47 6.03
C ARG A 342 -11.10 2.91 7.45
N ARG A 343 -10.05 2.17 7.84
CA ARG A 343 -9.89 1.58 9.20
C ARG A 343 -8.41 1.60 9.62
N GLY A 344 -7.59 2.51 9.06
CA GLY A 344 -6.20 2.74 9.47
C GLY A 344 -5.19 2.02 8.58
N TYR A 345 -5.60 0.98 7.86
CA TYR A 345 -4.72 0.05 7.11
C TYR A 345 -4.07 0.78 5.92
N GLY A 346 -4.82 1.66 5.25
CA GLY A 346 -4.33 2.46 4.11
C GLY A 346 -3.11 3.28 4.49
N LYS A 347 -3.21 4.04 5.59
CA LYS A 347 -2.14 4.94 6.09
C LYS A 347 -0.97 4.12 6.64
N PHE A 348 -1.20 2.88 7.07
CA PHE A 348 -0.13 1.96 7.56
C PHE A 348 0.85 1.65 6.42
N LEU A 349 0.31 1.24 5.26
CA LEU A 349 1.14 0.85 4.08
C LEU A 349 1.85 2.09 3.51
N ILE A 350 1.19 3.26 3.56
CA ILE A 350 1.82 4.55 3.16
C ILE A 350 3.04 4.80 4.06
N ALA A 351 2.84 4.75 5.38
CA ALA A 351 3.90 4.94 6.39
C ALA A 351 5.05 3.96 6.11
N PHE A 352 4.71 2.68 5.91
CA PHE A 352 5.68 1.58 5.66
C PHE A 352 6.57 1.91 4.47
N SER A 353 5.99 2.47 3.40
CA SER A 353 6.69 2.80 2.13
C SER A 353 7.78 3.85 2.37
N TYR A 354 7.53 4.80 3.28
CA TYR A 354 8.49 5.89 3.63
C TYR A 354 9.53 5.38 4.63
N GLU A 355 9.18 4.38 5.46
CA GLU A 355 10.15 3.72 6.38
C GLU A 355 11.21 2.98 5.55
N LEU A 356 10.80 2.38 4.42
CA LEU A 356 11.73 1.74 3.45
C LEU A 356 12.63 2.81 2.82
N SER A 357 12.03 3.91 2.35
CA SER A 357 12.74 5.04 1.68
C SER A 357 13.80 5.65 2.60
N LYS A 358 13.49 5.82 3.89
CA LYS A 358 14.43 6.36 4.92
C LYS A 358 15.65 5.44 5.03
N LEU A 359 15.43 4.13 5.15
CA LEU A 359 16.48 3.07 5.28
C LEU A 359 17.32 3.01 3.99
N GLU A 360 16.72 3.39 2.85
CA GLU A 360 17.40 3.47 1.52
C GLU A 360 18.18 4.79 1.41
N SER A 361 17.93 5.75 2.32
CA SER A 361 18.51 7.12 2.33
C SER A 361 18.15 7.86 1.04
N THR A 362 16.90 7.71 0.58
CA THR A 362 16.36 8.36 -0.65
C THR A 362 15.00 9.00 -0.35
N VAL A 363 14.59 9.95 -1.19
CA VAL A 363 13.22 10.54 -1.20
C VAL A 363 12.38 9.73 -2.19
N GLY A 364 11.06 9.67 -1.94
CA GLY A 364 10.11 8.93 -2.78
C GLY A 364 8.75 9.61 -2.83
N SER A 365 8.01 9.37 -3.91
CA SER A 365 6.61 9.79 -4.11
C SER A 365 5.84 8.64 -4.75
N PRO A 366 4.55 8.41 -4.42
CA PRO A 366 3.75 7.41 -5.12
C PRO A 366 3.65 7.71 -6.62
N GLU A 367 3.71 6.68 -7.46
CA GLU A 367 3.42 6.79 -8.91
C GLU A 367 1.96 7.25 -9.04
N LYS A 368 1.74 8.35 -9.75
CA LYS A 368 0.40 8.95 -9.97
C LYS A 368 -0.18 8.40 -11.27
N PRO A 369 -1.52 8.37 -11.46
CA PRO A 369 -2.47 8.96 -10.52
C PRO A 369 -2.85 8.10 -9.30
N LEU A 370 -3.23 8.77 -8.21
CA LEU A 370 -3.81 8.15 -6.99
C LEU A 370 -5.33 8.11 -7.13
N SER A 371 -5.99 7.17 -6.44
CA SER A 371 -7.46 7.15 -6.25
C SER A 371 -7.85 8.33 -5.35
N ASP A 372 -9.14 8.65 -5.28
CA ASP A 372 -9.68 9.70 -4.38
C ASP A 372 -9.26 9.37 -2.94
N LEU A 373 -9.40 8.11 -2.53
CA LEU A 373 -8.98 7.60 -1.20
C LEU A 373 -7.46 7.74 -1.04
N GLY A 374 -6.69 7.28 -2.03
CA GLY A 374 -5.22 7.43 -2.08
C GLY A 374 -4.80 8.86 -1.79
N LYS A 375 -5.40 9.84 -2.48
CA LYS A 375 -5.09 11.28 -2.35
C LYS A 375 -5.34 11.75 -0.91
N LEU A 376 -6.48 11.38 -0.33
CA LEU A 376 -6.90 11.81 1.03
C LEU A 376 -5.97 11.20 2.08
N SER A 377 -5.59 9.92 1.92
CA SER A 377 -4.75 9.16 2.89
C SER A 377 -3.31 9.69 2.89
N TYR A 378 -2.73 9.92 1.71
CA TYR A 378 -1.38 10.50 1.55
C TYR A 378 -1.33 11.89 2.21
N ARG A 379 -2.34 12.73 1.95
CA ARG A 379 -2.43 14.11 2.51
C ARG A 379 -2.47 14.04 4.04
N SER A 380 -3.32 13.17 4.61
CA SER A 380 -3.47 12.94 6.06
C SER A 380 -2.12 12.52 6.66
N TYR A 381 -1.46 11.53 6.06
CA TYR A 381 -0.15 10.99 6.51
C TYR A 381 0.90 12.11 6.48
N TRP A 382 1.05 12.79 5.33
CA TRP A 382 2.02 13.90 5.14
C TRP A 382 1.80 14.95 6.23
N SER A 383 0.55 15.35 6.45
CA SER A 383 0.15 16.38 7.45
C SER A 383 0.59 15.93 8.84
N TRP A 384 0.19 14.72 9.25
CA TRP A 384 0.48 14.14 10.58
C TRP A 384 1.99 14.16 10.84
N VAL A 385 2.79 13.65 9.89
CA VAL A 385 4.28 13.55 10.00
C VAL A 385 4.86 14.96 10.18
N LEU A 386 4.46 15.91 9.33
CA LEU A 386 5.02 17.30 9.30
C LEU A 386 4.60 18.07 10.56
N LEU A 387 3.34 17.94 10.99
CA LEU A 387 2.80 18.64 12.19
C LEU A 387 3.54 18.14 13.44
N GLU A 388 3.77 16.82 13.55
CA GLU A 388 4.40 16.16 14.73
C GLU A 388 5.84 16.65 14.87
N ILE A 389 6.54 16.87 13.74
CA ILE A 389 7.94 17.39 13.69
C ILE A 389 7.95 18.86 14.12
N LEU A 390 7.12 19.68 13.49
CA LEU A 390 7.10 21.17 13.67
C LEU A 390 6.54 21.53 15.06
N ARG A 391 5.80 20.62 15.69
CA ARG A 391 5.35 20.71 17.10
C ARG A 391 6.57 20.93 18.00
N ASP A 392 7.63 20.14 17.79
CA ASP A 392 8.92 20.24 18.53
C ASP A 392 9.82 21.25 17.82
N LEU A 397 14.89 24.81 10.58
CA LEU A 397 14.51 23.62 9.76
C LEU A 397 13.90 24.10 8.44
N SER A 398 14.62 23.87 7.32
CA SER A 398 14.20 24.22 5.94
C SER A 398 13.32 23.11 5.36
N ILE A 399 12.76 23.33 4.17
CA ILE A 399 11.94 22.33 3.41
C ILE A 399 12.84 21.15 3.02
N LYS A 400 14.10 21.42 2.66
CA LYS A 400 15.11 20.37 2.35
C LYS A 400 15.32 19.50 3.59
N ASP A 401 15.46 20.11 4.77
CA ASP A 401 15.68 19.40 6.06
C ASP A 401 14.52 18.43 6.32
N LEU A 402 13.27 18.90 6.14
CA LEU A 402 12.04 18.09 6.34
C LEU A 402 12.04 16.91 5.35
N SER A 403 12.49 17.13 4.11
CA SER A 403 12.56 16.10 3.03
C SER A 403 13.57 15.01 3.40
N GLN A 404 14.72 15.39 3.97
CA GLN A 404 15.81 14.46 4.38
C GLN A 404 15.34 13.62 5.57
N MET A 405 14.61 14.23 6.51
CA MET A 405 14.11 13.57 7.76
C MET A 405 13.03 12.53 7.41
N THR A 406 12.08 12.89 6.52
CA THR A 406 10.81 12.14 6.29
C THR A 406 10.90 11.24 5.04
N SER A 407 11.83 11.53 4.12
CA SER A 407 11.93 10.91 2.77
C SER A 407 10.72 11.32 1.90
N ILE A 408 9.96 12.33 2.33
CA ILE A 408 8.87 12.95 1.52
C ILE A 408 9.52 13.96 0.58
N THR A 409 9.13 13.97 -0.70
CA THR A 409 9.67 14.91 -1.73
C THR A 409 9.34 16.35 -1.31
N GLN A 410 10.13 17.31 -1.78
CA GLN A 410 9.95 18.75 -1.46
C GLN A 410 8.57 19.20 -1.97
N ASN A 411 8.19 18.76 -3.18
CA ASN A 411 6.89 19.11 -3.82
C ASN A 411 5.72 18.64 -2.96
N ASP A 412 5.78 17.41 -2.43
CA ASP A 412 4.72 16.82 -1.57
C ASP A 412 4.65 17.58 -0.24
N ILE A 413 5.82 17.94 0.32
CA ILE A 413 5.91 18.75 1.58
C ILE A 413 5.26 20.12 1.33
N ILE A 414 5.62 20.78 0.22
CA ILE A 414 5.11 22.13 -0.14
C ILE A 414 3.59 22.10 -0.27
N SER A 415 3.05 21.15 -1.04
CA SER A 415 1.59 21.00 -1.28
C SER A 415 0.87 20.75 0.07
N THR A 416 1.52 20.03 0.99
CA THR A 416 0.96 19.72 2.34
C THR A 416 1.00 20.98 3.20
N LEU A 417 2.13 21.68 3.25
CA LEU A 417 2.29 22.95 4.01
C LEU A 417 1.35 24.01 3.43
N GLN A 418 1.10 23.97 2.11
CA GLN A 418 0.13 24.85 1.40
C GLN A 418 -1.29 24.58 1.92
N SER A 419 -1.69 23.31 2.04
CA SER A 419 -3.02 22.88 2.53
C SER A 419 -3.19 23.28 4.00
N LEU A 420 -2.08 23.41 4.74
CA LEU A 420 -2.06 23.77 6.19
C LEU A 420 -1.88 25.29 6.35
N ASN A 421 -1.63 26.03 5.25
CA ASN A 421 -1.35 27.48 5.23
C ASN A 421 -0.16 27.78 6.16
N MET A 422 0.93 27.04 5.99
CA MET A 422 2.19 27.17 6.78
C MET A 422 3.37 27.43 5.85
N VAL A 423 3.10 27.88 4.63
CA VAL A 423 4.14 28.22 3.60
C VAL A 423 3.74 29.54 2.94
N LYS A 424 4.75 30.36 2.63
CA LYS A 424 4.58 31.66 1.93
C LYS A 424 5.51 31.65 0.72
N TYR A 425 5.22 32.48 -0.29
CA TYR A 425 6.03 32.61 -1.53
C TYR A 425 6.65 34.01 -1.56
N TRP A 426 7.99 34.06 -1.59
CA TRP A 426 8.78 35.32 -1.55
C TRP A 426 9.91 35.24 -2.57
N LYS A 427 9.93 36.19 -3.52
CA LYS A 427 10.93 36.32 -4.61
C LYS A 427 11.29 34.93 -5.16
N GLY A 428 10.28 34.13 -5.48
CA GLY A 428 10.41 32.83 -6.17
C GLY A 428 10.89 31.71 -5.27
N GLN A 429 10.75 31.85 -3.95
CA GLN A 429 11.15 30.82 -2.94
C GLN A 429 9.98 30.53 -2.01
N HIS A 430 9.73 29.25 -1.74
CA HIS A 430 8.80 28.76 -0.69
C HIS A 430 9.44 29.00 0.69
N VAL A 431 8.73 29.65 1.60
CA VAL A 431 9.19 30.00 2.97
C VAL A 431 8.22 29.39 3.98
N ILE A 432 8.73 28.57 4.91
CA ILE A 432 7.92 27.96 6.01
C ILE A 432 7.55 29.06 6.99
N CYS A 433 6.25 29.31 7.21
CA CYS A 433 5.71 30.29 8.18
C CYS A 433 4.89 29.55 9.25
N VAL A 434 5.58 28.95 10.22
CA VAL A 434 5.00 28.07 11.28
C VAL A 434 4.78 28.91 12.55
N THR A 435 3.66 28.65 13.24
CA THR A 435 3.29 29.25 14.55
C THR A 435 2.92 28.11 15.50
N PRO A 436 3.64 27.93 16.64
CA PRO A 436 3.38 26.81 17.56
C PRO A 436 1.89 26.65 17.94
N LYS A 437 1.17 27.76 18.06
CA LYS A 437 -0.30 27.81 18.35
C LYS A 437 -1.07 27.22 17.16
N LEU A 438 -0.67 27.60 15.93
CA LEU A 438 -1.29 27.12 14.66
C LEU A 438 -1.07 25.61 14.51
N VAL A 439 0.13 25.13 14.84
CA VAL A 439 0.54 23.69 14.77
C VAL A 439 -0.29 22.89 15.78
N GLU A 440 -0.32 23.36 17.04
CA GLU A 440 -1.02 22.70 18.19
C GLU A 440 -2.53 22.63 17.90
N GLU A 441 -3.09 23.68 17.29
CA GLU A 441 -4.54 23.81 16.97
C GLU A 441 -4.93 22.76 15.92
N HIS A 442 -4.09 22.55 14.90
CA HIS A 442 -4.30 21.55 13.81
C HIS A 442 -4.33 20.14 14.38
N LEU A 443 -3.36 19.80 15.25
CA LEU A 443 -3.22 18.47 15.91
C LEU A 443 -4.46 18.18 16.76
N LYS A 444 -4.99 19.21 17.45
CA LYS A 444 -6.26 19.16 18.21
C LYS A 444 -7.40 18.73 17.27
N LYS A 449 -5.03 13.64 13.27
CA LYS A 449 -5.06 12.65 14.39
C LYS A 449 -4.19 11.45 14.04
N LYS A 450 -3.72 10.72 15.07
CA LYS A 450 -2.86 9.50 14.92
C LYS A 450 -3.70 8.37 14.33
N PRO A 451 -3.18 7.59 13.36
CA PRO A 451 -3.89 6.44 12.83
C PRO A 451 -4.03 5.32 13.86
N PRO A 452 -5.06 4.46 13.76
CA PRO A 452 -5.28 3.37 14.72
C PRO A 452 -4.05 2.48 14.95
N ILE A 453 -3.32 2.16 13.86
CA ILE A 453 -2.07 1.35 13.88
C ILE A 453 -0.97 2.17 13.19
N THR A 454 0.25 2.11 13.71
CA THR A 454 1.44 2.82 13.16
C THR A 454 2.59 1.83 12.94
N VAL A 455 3.51 2.19 12.04
CA VAL A 455 4.73 1.38 11.72
C VAL A 455 5.77 1.66 12.81
N ASP A 456 6.19 0.63 13.54
CA ASP A 456 7.27 0.69 14.56
C ASP A 456 8.57 0.25 13.90
N SER A 457 9.46 1.21 13.61
CA SER A 457 10.80 0.99 12.98
C SER A 457 11.57 -0.12 13.71
N VAL A 458 11.38 -0.24 15.03
CA VAL A 458 11.99 -1.30 15.90
C VAL A 458 11.63 -2.68 15.34
N CYS A 459 10.37 -2.87 14.93
CA CYS A 459 9.81 -4.17 14.48
C CYS A 459 10.07 -4.42 12.98
N LEU A 460 10.62 -3.42 12.28
CA LEU A 460 11.01 -3.52 10.84
C LEU A 460 12.42 -4.12 10.76
N LYS A 461 12.54 -5.32 10.19
CA LYS A 461 13.82 -6.04 9.97
C LYS A 461 14.11 -6.07 8.47
N TRP A 462 14.74 -5.00 7.96
CA TRP A 462 14.93 -4.76 6.51
C TRP A 462 16.20 -3.94 6.27
N ALA A 463 17.00 -4.34 5.28
CA ALA A 463 18.18 -3.61 4.77
C ALA A 463 18.02 -3.43 3.26
N PRO A 464 18.42 -2.28 2.68
CA PRO A 464 18.31 -2.04 1.24
C PRO A 464 18.75 -3.20 0.35
ZN ZN B . -4.10 -21.77 -2.15
C1 GOL C . -5.02 4.21 0.33
O1 GOL C . -5.41 5.00 1.44
C2 GOL C . -5.81 2.91 0.29
O2 GOL C . -5.06 1.87 0.93
C3 GOL C . -6.17 2.49 -1.12
O3 GOL C . -7.09 1.40 -1.12
#